data_5N2R
#
_entry.id   5N2R
#
_cell.length_a   39.254
_cell.length_b   180.739
_cell.length_c   140.641
_cell.angle_alpha   90.00
_cell.angle_beta   90.00
_cell.angle_gamma   90.00
#
_symmetry.space_group_name_H-M   'C 2 2 21'
#
loop_
_entity.id
_entity.type
_entity.pdbx_description
1 polymer 'Adenosine receptor A2a,Soluble cytochrome b562,ADENOSINE RECEPTOR A2A SOLUBLE CYTOCHROME B562 ADENOSINE RECEPTOR A2A,Adenosine receptor A2a'
2 non-polymer 'SODIUM ION'
3 non-polymer 1-butyl-3-[(~{E})-3-oxidanylprop-1-enyl]-8-[(1~{R},5~{S})-3-tricyclo[3.3.1.0^{3,7}]nonanyl]-7~{H}-purine-2,6-dione
4 non-polymer CHOLESTEROL
5 non-polymer 'OLEIC ACID'
6 non-polymer '(2R)-2,3-dihydroxypropyl (9Z)-octadec-9-enoate'
7 non-polymer 'D(-)-TARTARIC ACID'
8 water water
#
_entity_poly.entity_id   1
_entity_poly.type   'polypeptide(L)'
_entity_poly.pdbx_seq_one_letter_code
;DYKDDDDGAPPIMGSSVYITVELAIAVLAILGNVLVCWAVWLNSNLQNVTNYFVVSLAAADILVGVLAIPFAITISTGFC
AACHGCLFIACFVLVLAQSSIFSLLAIAIDRYIAIAIPLRYNGLVTGTRAAGIIAICWVLSFAIGLTPMLGWNNCGQPKE
GKAHSQGCGEGQVACLFEDVVPMNYMVYFNFFACVLVPLLLMLGVYLRIFAAARRQLADLEDNWETLNDNLKVIEKADNA
AQVKDALTKMRAAALDAQKATPPKLEDKSPDSPEMKDFRHGFDILVGQIDDALKLANEGKVKEAQAAAEQLKTTRNAYIQ
KYLERARSTLQKEVHAAKSAAIIAGLFALCWLPLHIINCFTFFCPDCSHAPLWLMYLAIVLAHTNSVVNPFIYAYRIREF
RQTFRKIIRSHVLRQQEPFKAAAHHHHHHHHHH
;
_entity_poly.pdbx_strand_id   A
#
# COMPACT_ATOMS: atom_id res chain seq x y z
N GLY A 8 -43.34 2.31 15.69
CA GLY A 8 -41.97 2.77 15.74
C GLY A 8 -41.34 2.62 17.12
N ALA A 9 -40.45 1.66 17.25
CA ALA A 9 -39.78 1.40 18.52
C ALA A 9 -39.00 2.64 18.97
N PRO A 10 -38.80 2.81 20.27
CA PRO A 10 -38.05 3.97 20.78
C PRO A 10 -36.70 4.10 20.11
N PRO A 11 -36.37 5.29 19.60
CA PRO A 11 -35.13 5.43 18.82
C PRO A 11 -33.88 5.09 19.59
N ILE A 12 -33.86 5.32 20.92
CA ILE A 12 -32.66 5.08 21.71
C ILE A 12 -32.30 3.61 21.77
N MET A 13 -33.26 2.71 21.51
CA MET A 13 -32.96 1.28 21.53
C MET A 13 -32.08 0.88 20.36
N GLY A 14 -32.54 1.15 19.14
CA GLY A 14 -31.68 0.95 17.99
C GLY A 14 -30.45 1.84 18.02
N SER A 15 -30.55 3.00 18.67
CA SER A 15 -29.39 3.87 18.82
C SER A 15 -28.34 3.24 19.72
N SER A 16 -28.78 2.54 20.78
CA SER A 16 -27.84 1.96 21.73
C SER A 16 -27.00 0.86 21.07
N VAL A 17 -27.60 0.05 20.19
CA VAL A 17 -26.84 -0.96 19.48
C VAL A 17 -25.81 -0.31 18.58
N TYR A 18 -26.21 0.72 17.83
CA TYR A 18 -25.27 1.41 16.95
C TYR A 18 -24.17 2.09 17.75
N ILE A 19 -24.51 2.72 18.87
CA ILE A 19 -23.51 3.44 19.66
C ILE A 19 -22.55 2.46 20.34
N THR A 20 -23.08 1.36 20.88
CA THR A 20 -22.21 0.38 21.54
C THR A 20 -21.24 -0.26 20.57
N VAL A 21 -21.70 -0.57 19.35
CA VAL A 21 -20.82 -1.14 18.35
C VAL A 21 -19.75 -0.13 17.95
N GLU A 22 -20.14 1.14 17.81
CA GLU A 22 -19.17 2.18 17.41
C GLU A 22 -18.11 2.39 18.48
N LEU A 23 -18.50 2.32 19.76
CA LEU A 23 -17.51 2.45 20.83
C LEU A 23 -16.58 1.25 20.88
N ALA A 24 -17.10 0.06 20.58
CA ALA A 24 -16.24 -1.12 20.52
C ALA A 24 -15.22 -1.01 19.39
N ILE A 25 -15.62 -0.38 18.28
CA ILE A 25 -14.70 -0.19 17.17
C ILE A 25 -13.65 0.85 17.51
N ALA A 26 -14.05 1.91 18.20
CA ALA A 26 -13.10 2.95 18.59
C ALA A 26 -12.02 2.40 19.50
N VAL A 27 -12.42 1.59 20.49
CA VAL A 27 -11.45 1.00 21.41
C VAL A 27 -10.47 0.12 20.65
N LEU A 28 -10.98 -0.70 19.72
CA LEU A 28 -10.10 -1.59 18.97
C LEU A 28 -9.20 -0.82 18.00
N ALA A 29 -9.71 0.26 17.41
CA ALA A 29 -8.90 1.03 16.48
C ALA A 29 -7.79 1.77 17.20
N ILE A 30 -8.08 2.32 18.38
CA ILE A 30 -7.07 3.07 19.13
C ILE A 30 -5.97 2.13 19.62
N LEU A 31 -6.36 1.01 20.25
CA LEU A 31 -5.37 0.09 20.81
C LEU A 31 -4.48 -0.49 19.74
N GLY A 32 -5.07 -1.00 18.66
CA GLY A 32 -4.28 -1.68 17.64
C GLY A 32 -3.28 -0.76 16.97
N ASN A 33 -3.70 0.46 16.65
CA ASN A 33 -2.82 1.37 15.91
C ASN A 33 -1.84 2.10 16.81
N VAL A 34 -2.18 2.27 18.10
CA VAL A 34 -1.17 2.74 19.05
C VAL A 34 -0.05 1.72 19.15
N LEU A 35 -0.39 0.43 19.06
CA LEU A 35 0.62 -0.62 19.07
C LEU A 35 1.51 -0.55 17.83
N VAL A 36 0.94 -0.17 16.69
CA VAL A 36 1.74 -0.02 15.48
C VAL A 36 2.74 1.12 15.63
N CYS A 37 2.27 2.28 16.09
CA CYS A 37 3.18 3.42 16.27
C CYS A 37 4.22 3.14 17.33
N TRP A 38 3.82 2.48 18.43
CA TRP A 38 4.76 2.13 19.48
C TRP A 38 5.83 1.18 18.96
N ALA A 39 5.46 0.28 18.06
CA ALA A 39 6.43 -0.66 17.50
C ALA A 39 7.44 0.07 16.61
N VAL A 40 6.96 0.96 15.75
CA VAL A 40 7.86 1.71 14.88
C VAL A 40 8.76 2.63 15.69
N TRP A 41 8.27 3.16 16.80
CA TRP A 41 9.09 4.06 17.61
C TRP A 41 10.22 3.31 18.30
N LEU A 42 9.98 2.07 18.73
CA LEU A 42 10.96 1.32 19.52
C LEU A 42 11.93 0.54 18.65
N ASN A 43 11.44 -0.09 17.59
CA ASN A 43 12.28 -0.97 16.76
C ASN A 43 12.91 -0.16 15.63
N SER A 44 14.25 -0.11 15.62
CA SER A 44 14.95 0.59 14.56
C SER A 44 14.89 -0.16 13.24
N ASN A 45 14.67 -1.48 13.27
CA ASN A 45 14.50 -2.24 12.05
C ASN A 45 13.18 -1.92 11.35
N LEU A 46 12.21 -1.40 12.07
CA LEU A 46 10.94 -0.96 11.50
C LEU A 46 10.96 0.51 11.12
N GLN A 47 12.08 1.21 11.32
CA GLN A 47 12.16 2.63 11.02
C GLN A 47 12.70 2.81 9.61
N ASN A 48 11.80 2.79 8.63
CA ASN A 48 12.14 3.07 7.25
C ASN A 48 11.06 3.95 6.65
N VAL A 49 11.31 4.44 5.43
CA VAL A 49 10.37 5.36 4.80
C VAL A 49 9.00 4.70 4.65
N THR A 50 8.98 3.41 4.30
CA THR A 50 7.71 2.74 4.06
C THR A 50 6.83 2.73 5.30
N ASN A 51 7.44 2.51 6.47
CA ASN A 51 6.68 2.46 7.72
C ASN A 51 6.31 3.84 8.26
N TYR A 52 6.97 4.91 7.78
CA TYR A 52 6.56 6.25 8.19
C TYR A 52 5.18 6.57 7.63
N PHE A 53 4.89 6.14 6.41
CA PHE A 53 3.52 6.26 5.89
C PHE A 53 2.58 5.32 6.64
N VAL A 54 3.08 4.16 7.05
CA VAL A 54 2.29 3.26 7.89
C VAL A 54 1.90 3.95 9.19
N VAL A 55 2.85 4.65 9.81
CA VAL A 55 2.54 5.40 11.03
C VAL A 55 1.58 6.54 10.72
N SER A 56 1.76 7.21 9.58
CA SER A 56 0.78 8.21 9.16
C SER A 56 -0.58 7.57 8.95
N LEU A 57 -0.61 6.34 8.42
CA LEU A 57 -1.87 5.64 8.26
C LEU A 57 -2.46 5.21 9.60
N ALA A 58 -1.61 4.78 10.53
CA ALA A 58 -2.10 4.46 11.86
C ALA A 58 -2.52 5.71 12.62
N ALA A 59 -1.85 6.84 12.38
CA ALA A 59 -2.25 8.09 13.02
C ALA A 59 -3.67 8.48 12.63
N ALA A 60 -4.00 8.33 11.34
CA ALA A 60 -5.36 8.63 10.88
C ALA A 60 -6.38 7.70 11.52
N ASP A 61 -6.03 6.42 11.66
CA ASP A 61 -6.97 5.46 12.23
C ASP A 61 -7.14 5.66 13.74
N ILE A 62 -6.07 6.09 14.42
CA ILE A 62 -6.22 6.45 15.83
C ILE A 62 -7.21 7.60 15.98
N LEU A 63 -7.07 8.63 15.12
CA LEU A 63 -7.98 9.77 15.15
C LEU A 63 -9.41 9.39 14.78
N VAL A 64 -9.61 8.27 14.08
CA VAL A 64 -10.97 7.79 13.83
C VAL A 64 -11.64 7.42 15.15
N GLY A 65 -10.93 6.69 16.02
CA GLY A 65 -11.51 6.31 17.29
C GLY A 65 -11.65 7.47 18.25
N VAL A 66 -10.68 8.37 18.25
CA VAL A 66 -10.68 9.46 19.23
C VAL A 66 -11.70 10.54 18.85
N LEU A 67 -11.85 10.82 17.55
CA LEU A 67 -12.66 11.96 17.12
C LEU A 67 -13.78 11.58 16.16
N ALA A 68 -13.44 10.83 15.09
CA ALA A 68 -14.41 10.59 14.02
C ALA A 68 -15.61 9.79 14.52
N ILE A 69 -15.36 8.71 15.25
CA ILE A 69 -16.44 7.86 15.74
C ILE A 69 -17.29 8.62 16.77
N PRO A 70 -16.70 9.35 17.73
CA PRO A 70 -17.54 10.23 18.55
C PRO A 70 -18.30 11.26 17.75
N PHE A 71 -17.74 11.74 16.63
CA PHE A 71 -18.48 12.64 15.77
C PHE A 71 -19.65 11.93 15.10
N ALA A 72 -19.45 10.67 14.71
CA ALA A 72 -20.52 9.90 14.07
C ALA A 72 -21.65 9.62 15.05
N ILE A 73 -21.31 9.35 16.31
CA ILE A 73 -22.34 9.16 17.33
C ILE A 73 -23.13 10.45 17.54
N THR A 74 -22.42 11.59 17.53
CA THR A 74 -23.07 12.86 17.81
C THR A 74 -24.01 13.26 16.68
N ILE A 75 -23.56 13.12 15.43
CA ILE A 75 -24.38 13.56 14.30
C ILE A 75 -25.53 12.61 14.00
N SER A 76 -25.53 11.41 14.60
CA SER A 76 -26.65 10.50 14.43
C SER A 76 -27.85 10.88 15.28
N THR A 77 -27.69 11.79 16.23
CA THR A 77 -28.80 12.23 17.07
C THR A 77 -29.59 13.39 16.46
N GLY A 78 -29.01 14.08 15.47
CA GLY A 78 -29.69 15.22 14.87
C GLY A 78 -29.78 16.42 15.78
N PHE A 79 -28.81 16.62 16.66
CA PHE A 79 -28.83 17.73 17.61
C PHE A 79 -28.77 19.06 16.88
N CYS A 80 -29.24 20.11 17.56
CA CYS A 80 -29.24 21.45 17.00
C CYS A 80 -27.84 22.05 17.08
N ALA A 81 -27.39 22.68 15.99
CA ALA A 81 -26.06 23.27 15.95
C ALA A 81 -26.01 24.29 14.83
N ALA A 82 -25.05 25.20 14.95
CA ALA A 82 -24.74 26.09 13.83
C ALA A 82 -24.25 25.26 12.65
N CYS A 83 -24.63 25.68 11.44
CA CYS A 83 -24.45 24.83 10.27
C CYS A 83 -22.98 24.57 9.97
N HIS A 84 -22.13 25.61 10.06
CA HIS A 84 -20.73 25.43 9.72
C HIS A 84 -20.02 24.58 10.76
N GLY A 85 -20.38 24.71 12.03
CA GLY A 85 -19.89 23.79 13.03
C GLY A 85 -20.38 22.37 12.80
N CYS A 86 -21.62 22.23 12.34
CA CYS A 86 -22.14 20.92 11.97
C CYS A 86 -21.37 20.35 10.79
N LEU A 87 -20.93 21.22 9.87
CA LEU A 87 -20.18 20.75 8.71
C LEU A 87 -18.88 20.09 9.12
N PHE A 88 -18.20 20.63 10.14
CA PHE A 88 -16.92 20.07 10.56
C PHE A 88 -17.09 18.66 11.11
N ILE A 89 -18.06 18.49 12.03
CA ILE A 89 -18.35 17.18 12.60
C ILE A 89 -18.72 16.18 11.52
N ALA A 90 -19.36 16.64 10.45
CA ALA A 90 -19.79 15.75 9.39
C ALA A 90 -18.66 15.39 8.44
N CYS A 91 -17.68 16.28 8.26
CA CYS A 91 -16.69 16.14 7.21
C CYS A 91 -15.31 15.74 7.70
N PHE A 92 -15.05 15.77 9.02
CA PHE A 92 -13.71 15.47 9.50
C PHE A 92 -13.28 14.04 9.16
N VAL A 93 -14.24 13.10 9.13
CA VAL A 93 -13.91 11.73 8.76
C VAL A 93 -13.47 11.64 7.31
N LEU A 94 -13.90 12.59 6.47
CA LEU A 94 -13.42 12.64 5.09
C LEU A 94 -11.96 13.06 5.03
N VAL A 95 -11.51 13.90 5.97
CA VAL A 95 -10.09 14.26 6.03
C VAL A 95 -9.25 13.04 6.38
N LEU A 96 -9.67 12.29 7.38
CA LEU A 96 -8.93 11.09 7.77
C LEU A 96 -8.93 10.06 6.65
N ALA A 97 -10.06 9.89 5.96
CA ALA A 97 -10.11 8.94 4.86
C ALA A 97 -9.21 9.40 3.71
N GLN A 98 -9.14 10.71 3.47
CA GLN A 98 -8.27 11.21 2.41
C GLN A 98 -6.80 11.01 2.78
N SER A 99 -6.45 11.25 4.04
CA SER A 99 -5.09 10.99 4.51
C SER A 99 -4.73 9.52 4.33
N SER A 100 -5.70 8.63 4.57
CA SER A 100 -5.46 7.20 4.35
C SER A 100 -5.18 6.92 2.88
N ILE A 101 -5.88 7.59 1.97
CA ILE A 101 -5.68 7.38 0.54
C ILE A 101 -4.27 7.80 0.14
N PHE A 102 -3.82 8.96 0.62
CA PHE A 102 -2.49 9.43 0.29
C PHE A 102 -1.42 8.50 0.85
N SER A 103 -1.64 7.96 2.05
CA SER A 103 -0.68 7.05 2.64
C SER A 103 -0.65 5.70 1.92
N LEU A 104 -1.80 5.25 1.42
CA LEU A 104 -1.84 4.00 0.66
C LEU A 104 -1.18 4.17 -0.70
N LEU A 105 -1.46 5.28 -1.38
CA LEU A 105 -0.83 5.53 -2.67
C LEU A 105 0.67 5.72 -2.50
N ALA A 106 1.10 6.33 -1.40
CA ALA A 106 2.53 6.54 -1.18
C ALA A 106 3.26 5.22 -0.93
N ILE A 107 2.64 4.31 -0.18
CA ILE A 107 3.26 3.01 0.08
C ILE A 107 3.41 2.23 -1.23
N ALA A 108 2.38 2.27 -2.08
CA ALA A 108 2.46 1.56 -3.36
C ALA A 108 3.55 2.14 -4.24
N ILE A 109 3.69 3.46 -4.27
CA ILE A 109 4.75 4.10 -5.04
C ILE A 109 6.11 3.79 -4.44
N ASP A 110 6.21 3.82 -3.11
CA ASP A 110 7.47 3.47 -2.45
C ASP A 110 7.90 2.06 -2.78
N ARG A 111 6.94 1.13 -2.88
CA ARG A 111 7.28 -0.25 -3.19
C ARG A 111 7.64 -0.41 -4.67
N TYR A 112 7.03 0.37 -5.55
CA TYR A 112 7.38 0.30 -6.96
C TYR A 112 8.80 0.79 -7.20
N ILE A 113 9.20 1.87 -6.51
CA ILE A 113 10.55 2.39 -6.67
C ILE A 113 11.58 1.39 -6.16
N ALA A 114 11.24 0.68 -5.08
CA ALA A 114 12.19 -0.26 -4.49
C ALA A 114 12.44 -1.45 -5.43
N ILE A 115 11.43 -1.88 -6.17
CA ILE A 115 11.57 -3.08 -6.98
C ILE A 115 11.98 -2.79 -8.42
N ALA A 116 11.60 -1.63 -8.96
CA ALA A 116 11.93 -1.29 -10.34
C ALA A 116 13.31 -0.66 -10.47
N ILE A 117 13.68 0.20 -9.53
CA ILE A 117 14.99 0.87 -9.59
C ILE A 117 15.69 0.75 -8.24
N PRO A 118 16.03 -0.47 -7.79
CA PRO A 118 16.61 -0.61 -6.44
C PRO A 118 17.98 0.01 -6.30
N LEU A 119 18.72 0.23 -7.40
CA LEU A 119 20.06 0.78 -7.30
C LEU A 119 20.04 2.23 -6.86
N ARG A 120 18.96 2.97 -7.15
CA ARG A 120 18.86 4.38 -6.80
C ARG A 120 17.72 4.66 -5.83
N TYR A 121 17.24 3.64 -5.12
CA TYR A 121 16.15 3.85 -4.17
C TYR A 121 16.63 4.61 -2.94
N ASN A 122 17.80 4.24 -2.41
CA ASN A 122 18.27 4.84 -1.16
C ASN A 122 18.60 6.31 -1.34
N GLY A 123 19.18 6.69 -2.48
CA GLY A 123 19.45 8.08 -2.74
C GLY A 123 18.24 8.91 -3.11
N LEU A 124 17.17 8.25 -3.55
CA LEU A 124 15.96 8.93 -3.99
C LEU A 124 14.93 9.06 -2.87
N VAL A 125 14.66 7.97 -2.17
CA VAL A 125 13.60 7.92 -1.16
C VAL A 125 14.28 7.99 0.20
N THR A 126 14.31 9.18 0.79
CA THR A 126 14.91 9.42 2.09
C THR A 126 13.84 9.71 3.13
N GLY A 127 14.27 9.74 4.40
CA GLY A 127 13.37 9.98 5.50
C GLY A 127 12.87 11.40 5.63
N THR A 128 13.76 12.38 5.42
CA THR A 128 13.35 13.77 5.55
C THR A 128 12.37 14.17 4.45
N ARG A 129 12.56 13.65 3.23
CA ARG A 129 11.59 13.91 2.17
C ARG A 129 10.26 13.25 2.46
N ALA A 130 10.28 12.06 3.06
CA ALA A 130 9.04 11.37 3.39
C ALA A 130 8.22 12.15 4.40
N ALA A 131 8.88 12.80 5.36
CA ALA A 131 8.14 13.59 6.34
C ALA A 131 7.45 14.79 5.70
N GLY A 132 8.11 15.44 4.74
CA GLY A 132 7.48 16.54 4.04
C GLY A 132 6.29 16.09 3.21
N ILE A 133 6.40 14.91 2.59
CA ILE A 133 5.27 14.38 1.82
C ILE A 133 4.09 14.11 2.74
N ILE A 134 4.36 13.50 3.91
CA ILE A 134 3.29 13.25 4.87
C ILE A 134 2.66 14.56 5.33
N ALA A 135 3.49 15.58 5.57
CA ALA A 135 2.96 16.89 5.96
C ALA A 135 2.10 17.49 4.84
N ILE A 136 2.57 17.40 3.60
CA ILE A 136 1.82 17.94 2.48
C ILE A 136 0.52 17.16 2.28
N CYS A 137 0.58 15.83 2.39
CA CYS A 137 -0.61 15.02 2.17
C CYS A 137 -1.66 15.25 3.24
N TRP A 138 -1.25 15.59 4.46
CA TRP A 138 -2.22 15.89 5.51
C TRP A 138 -2.91 17.22 5.26
N VAL A 139 -2.16 18.23 4.82
CA VAL A 139 -2.75 19.53 4.52
C VAL A 139 -3.75 19.41 3.37
N LEU A 140 -3.38 18.65 2.32
CA LEU A 140 -4.32 18.43 1.23
C LEU A 140 -5.55 17.65 1.70
N SER A 141 -5.36 16.73 2.65
CA SER A 141 -6.50 15.96 3.16
C SER A 141 -7.50 16.86 3.85
N PHE A 142 -7.03 17.84 4.62
CA PHE A 142 -7.93 18.82 5.21
C PHE A 142 -8.62 19.65 4.14
N ALA A 143 -7.86 20.09 3.13
CA ALA A 143 -8.44 20.89 2.06
C ALA A 143 -9.54 20.12 1.34
N ILE A 144 -9.31 18.84 1.06
CA ILE A 144 -10.28 18.04 0.33
C ILE A 144 -11.47 17.68 1.21
N GLY A 145 -11.20 17.22 2.44
CA GLY A 145 -12.28 16.76 3.29
C GLY A 145 -13.16 17.89 3.78
N LEU A 146 -12.58 19.06 4.06
CA LEU A 146 -13.32 20.20 4.57
C LEU A 146 -13.71 21.19 3.47
N THR A 147 -13.67 20.75 2.21
CA THR A 147 -14.15 21.59 1.11
C THR A 147 -15.58 22.06 1.30
N PRO A 148 -16.53 21.27 1.82
CA PRO A 148 -17.86 21.82 2.10
C PRO A 148 -17.85 23.05 2.98
N MET A 149 -16.87 23.17 3.89
CA MET A 149 -16.78 24.35 4.73
C MET A 149 -16.33 25.58 3.95
N LEU A 150 -15.76 25.39 2.76
CA LEU A 150 -15.36 26.51 1.92
C LEU A 150 -16.51 27.05 1.08
N GLY A 151 -17.72 26.53 1.24
CA GLY A 151 -18.87 27.06 0.52
C GLY A 151 -19.75 26.02 -0.15
N TRP A 152 -19.18 24.86 -0.47
CA TRP A 152 -19.90 23.79 -1.17
C TRP A 152 -20.71 22.99 -0.16
N ASN A 153 -21.78 23.62 0.33
CA ASN A 153 -22.61 23.02 1.37
C ASN A 153 -24.06 23.45 1.16
N ASN A 154 -24.94 22.95 2.03
CA ASN A 154 -26.35 23.30 2.02
C ASN A 154 -26.71 24.25 3.17
N CYS A 155 -25.72 24.93 3.74
CA CYS A 155 -25.99 25.84 4.85
C CYS A 155 -26.86 27.01 4.43
N GLY A 156 -26.81 27.39 3.15
CA GLY A 156 -27.61 28.50 2.69
C GLY A 156 -29.09 28.20 2.54
N GLN A 157 -29.46 26.92 2.53
CA GLN A 157 -30.85 26.49 2.36
C GLN A 157 -31.21 25.49 3.46
N PRO A 158 -31.35 25.95 4.70
CA PRO A 158 -31.62 25.02 5.80
C PRO A 158 -33.04 24.50 5.78
N LYS A 159 -33.21 23.30 6.31
CA LYS A 159 -34.55 22.72 6.52
C LYS A 159 -35.12 23.35 7.77
N GLU A 160 -35.82 24.48 7.59
CA GLU A 160 -36.30 25.24 8.74
C GLU A 160 -37.39 24.49 9.49
N GLY A 161 -38.25 23.76 8.78
CA GLY A 161 -39.29 23.00 9.44
C GLY A 161 -38.74 21.92 10.34
N LYS A 162 -37.64 21.28 9.92
CA LYS A 162 -37.02 20.26 10.75
C LYS A 162 -36.38 20.88 11.99
N ALA A 163 -35.87 22.10 11.88
CA ALA A 163 -35.24 22.76 13.03
C ALA A 163 -36.27 23.26 14.02
N HIS A 164 -37.38 23.82 13.53
CA HIS A 164 -38.42 24.30 14.44
C HIS A 164 -39.10 23.15 15.17
N SER A 165 -39.15 21.97 14.56
CA SER A 165 -39.78 20.82 15.22
C SER A 165 -38.90 20.28 16.34
N GLN A 166 -37.59 20.49 16.27
CA GLN A 166 -36.66 20.02 17.29
C GLN A 166 -36.22 21.13 18.24
N GLY A 167 -36.87 22.29 18.19
CA GLY A 167 -36.55 23.35 19.13
C GLY A 167 -35.24 24.05 18.88
N CYS A 168 -34.68 23.91 17.68
CA CYS A 168 -33.42 24.58 17.38
C CYS A 168 -33.58 26.09 17.45
N GLY A 169 -32.51 26.77 17.85
CA GLY A 169 -32.52 28.22 17.91
C GLY A 169 -32.27 28.85 16.54
N GLU A 170 -32.45 30.16 16.50
CA GLU A 170 -32.20 30.90 15.26
C GLU A 170 -30.74 30.78 14.86
N GLY A 171 -30.50 30.63 13.56
CA GLY A 171 -29.17 30.41 13.06
C GLY A 171 -28.66 28.99 13.19
N GLN A 172 -29.45 28.09 13.75
CA GLN A 172 -29.08 26.70 13.93
C GLN A 172 -29.91 25.79 13.03
N VAL A 173 -29.41 24.57 12.84
CA VAL A 173 -30.09 23.55 12.06
C VAL A 173 -30.05 22.24 12.84
N ALA A 174 -30.91 21.31 12.42
CA ALA A 174 -30.78 19.93 12.86
C ALA A 174 -29.58 19.31 12.17
N CYS A 175 -28.54 19.02 12.94
CA CYS A 175 -27.27 18.56 12.37
C CYS A 175 -27.42 17.15 11.86
N LEU A 176 -27.62 17.00 10.56
CA LEU A 176 -27.70 15.71 9.89
C LEU A 176 -26.84 15.74 8.64
N PHE A 177 -26.18 14.61 8.34
CA PHE A 177 -25.18 14.59 7.28
C PHE A 177 -25.78 14.98 5.93
N GLU A 178 -26.92 14.39 5.57
CA GLU A 178 -27.51 14.66 4.26
C GLU A 178 -28.02 16.07 4.13
N ASP A 179 -28.30 16.75 5.25
CA ASP A 179 -28.85 18.09 5.22
C ASP A 179 -27.79 19.18 5.07
N VAL A 180 -26.52 18.87 5.34
CA VAL A 180 -25.50 19.91 5.32
C VAL A 180 -24.47 19.64 4.21
N VAL A 181 -24.17 18.37 3.95
CA VAL A 181 -23.17 17.99 2.98
C VAL A 181 -23.88 17.64 1.67
N PRO A 182 -23.60 18.35 0.57
CA PRO A 182 -24.30 18.06 -0.69
C PRO A 182 -23.86 16.73 -1.27
N MET A 183 -24.81 16.02 -1.89
CA MET A 183 -24.51 14.68 -2.38
C MET A 183 -23.63 14.71 -3.62
N ASN A 184 -23.71 15.78 -4.42
CA ASN A 184 -22.85 15.85 -5.61
C ASN A 184 -21.38 16.02 -5.22
N TYR A 185 -21.10 16.65 -4.08
CA TYR A 185 -19.74 16.67 -3.56
C TYR A 185 -19.28 15.26 -3.20
N MET A 186 -20.13 14.52 -2.46
CA MET A 186 -19.76 13.19 -2.01
C MET A 186 -19.55 12.23 -3.18
N VAL A 187 -20.27 12.41 -4.28
CA VAL A 187 -20.24 11.47 -5.39
C VAL A 187 -19.19 11.92 -6.41
N TYR A 188 -19.32 13.14 -6.92
CA TYR A 188 -18.43 13.61 -7.98
C TYR A 188 -17.06 14.00 -7.45
N PHE A 189 -17.02 14.77 -6.36
CA PHE A 189 -15.74 15.28 -5.86
C PHE A 189 -15.04 14.26 -4.97
N ASN A 190 -15.73 13.80 -3.92
CA ASN A 190 -15.07 12.96 -2.94
C ASN A 190 -14.86 11.54 -3.46
N PHE A 191 -15.94 10.87 -3.87
CA PHE A 191 -15.84 9.46 -4.25
C PHE A 191 -15.10 9.30 -5.58
N PHE A 192 -15.65 9.88 -6.65
CA PHE A 192 -15.09 9.66 -7.99
C PHE A 192 -13.68 10.21 -8.09
N ALA A 193 -13.50 11.49 -7.78
CA ALA A 193 -12.21 12.15 -8.03
C ALA A 193 -11.18 11.79 -6.97
N CYS A 194 -11.54 11.90 -5.68
CA CYS A 194 -10.56 11.83 -4.61
C CYS A 194 -10.44 10.44 -3.98
N VAL A 195 -11.33 9.50 -4.32
CA VAL A 195 -11.28 8.15 -3.78
C VAL A 195 -11.15 7.10 -4.89
N LEU A 196 -12.06 7.15 -5.86
CA LEU A 196 -12.09 6.13 -6.92
C LEU A 196 -10.85 6.21 -7.80
N VAL A 197 -10.49 7.41 -8.26
CA VAL A 197 -9.32 7.56 -9.12
C VAL A 197 -8.03 7.17 -8.42
N PRO A 198 -7.74 7.64 -7.19
CA PRO A 198 -6.50 7.18 -6.55
C PRO A 198 -6.44 5.67 -6.34
N LEU A 199 -7.55 5.04 -5.98
CA LEU A 199 -7.55 3.59 -5.81
C LEU A 199 -7.26 2.88 -7.13
N LEU A 200 -7.82 3.37 -8.23
CA LEU A 200 -7.50 2.80 -9.54
C LEU A 200 -6.03 2.99 -9.87
N LEU A 201 -5.45 4.12 -9.45
CA LEU A 201 -4.02 4.34 -9.65
C LEU A 201 -3.20 3.32 -8.85
N MET A 202 -3.58 3.07 -7.60
CA MET A 202 -2.89 2.05 -6.80
C MET A 202 -2.96 0.70 -7.48
N LEU A 203 -4.11 0.34 -8.05
CA LEU A 203 -4.26 -0.92 -8.76
C LEU A 203 -3.26 -1.01 -9.91
N GLY A 204 -3.07 0.08 -10.64
CA GLY A 204 -2.11 0.07 -11.73
C GLY A 204 -0.67 0.03 -11.24
N VAL A 205 -0.39 0.66 -10.10
CA VAL A 205 0.96 0.62 -9.55
C VAL A 205 1.31 -0.79 -9.11
N TYR A 206 0.38 -1.47 -8.42
CA TYR A 206 0.64 -2.83 -7.99
C TYR A 206 0.70 -3.80 -9.17
N LEU A 207 -0.05 -3.51 -10.23
CA LEU A 207 0.09 -4.32 -11.44
C LEU A 207 1.50 -4.19 -12.02
N ARG A 208 2.08 -2.99 -11.95
CA ARG A 208 3.44 -2.80 -12.43
C ARG A 208 4.45 -3.45 -11.51
N ILE A 209 4.21 -3.43 -10.20
CA ILE A 209 5.13 -4.05 -9.24
C ILE A 209 5.23 -5.55 -9.51
N PHE A 210 4.09 -6.23 -9.49
CA PHE A 210 4.09 -7.67 -9.70
C PHE A 210 4.57 -8.05 -11.10
N ALA A 211 4.28 -7.21 -12.09
CA ALA A 211 4.81 -7.48 -13.43
C ALA A 211 6.32 -7.28 -13.48
N ALA A 212 6.83 -6.29 -12.73
CA ALA A 212 8.28 -6.09 -12.67
C ALA A 212 8.95 -7.22 -11.88
N ALA A 213 8.30 -7.70 -10.82
CA ALA A 213 8.86 -8.80 -10.05
C ALA A 213 8.91 -10.08 -10.88
N ARG A 214 7.85 -10.37 -11.62
CA ARG A 214 7.81 -11.56 -12.45
C ARG A 214 8.85 -11.50 -13.58
N ARG A 215 9.05 -10.30 -14.15
CA ARG A 215 10.03 -10.16 -15.23
C ARG A 215 11.45 -10.34 -14.73
N GLN A 216 11.73 -9.95 -13.50
CA GLN A 216 13.10 -10.02 -13.00
C GLN A 216 13.46 -11.44 -12.57
N LEU A 217 12.52 -12.18 -12.00
CA LEU A 217 12.77 -13.52 -11.49
C LEU A 217 13.21 -14.49 -12.57
N ALA A 218 11.71 -13.49 -15.09
CA ALA A 218 12.29 -14.64 -15.75
C ALA A 218 13.77 -14.42 -16.05
N ASP A 219 14.24 -13.19 -15.83
CA ASP A 219 15.58 -12.82 -16.25
C ASP A 219 16.66 -13.59 -15.49
N LEU A 220 16.51 -13.72 -14.17
CA LEU A 220 17.46 -14.51 -13.39
C LEU A 220 17.48 -15.97 -13.86
N GLU A 221 16.30 -16.55 -14.07
CA GLU A 221 16.23 -17.93 -14.53
C GLU A 221 16.72 -18.07 -15.97
N ASP A 222 16.55 -17.03 -16.78
CA ASP A 222 16.98 -17.12 -18.18
C ASP A 222 18.49 -17.03 -18.31
N ASN A 223 19.13 -16.18 -17.50
CA ASN A 223 20.59 -16.14 -17.48
C ASN A 223 21.17 -17.41 -16.87
N TRP A 224 20.44 -18.05 -15.96
CA TRP A 224 20.90 -19.31 -15.39
C TRP A 224 20.83 -20.44 -16.41
N GLU A 225 19.74 -20.51 -17.17
CA GLU A 225 19.63 -21.51 -18.23
C GLU A 225 20.64 -21.24 -19.34
N THR A 226 20.84 -19.96 -19.67
CA THR A 226 21.85 -19.60 -20.67
C THR A 226 23.24 -20.04 -20.22
N LEU A 227 23.50 -19.97 -18.92
CA LEU A 227 24.79 -20.42 -18.40
C LEU A 227 24.96 -21.93 -18.55
N ASN A 228 23.91 -22.69 -18.22
CA ASN A 228 24.02 -24.15 -18.26
C ASN A 228 23.94 -24.69 -19.69
N ASP A 229 23.12 -24.06 -20.54
CA ASP A 229 22.95 -24.58 -21.90
C ASP A 229 24.22 -24.42 -22.72
N ASN A 230 24.85 -23.25 -22.63
CA ASN A 230 26.08 -23.01 -23.39
C ASN A 230 27.25 -23.86 -22.88
N LEU A 231 27.18 -24.36 -21.64
CA LEU A 231 28.19 -25.29 -21.17
C LEU A 231 28.08 -26.63 -21.87
N LYS A 232 26.83 -27.09 -22.11
CA LYS A 232 26.63 -28.33 -22.86
C LYS A 232 27.08 -28.16 -24.31
N VAL A 233 26.85 -26.97 -24.89
CA VAL A 233 27.24 -26.73 -26.27
C VAL A 233 28.75 -26.81 -26.44
N ILE A 234 29.50 -26.30 -25.45
CA ILE A 234 30.96 -26.32 -25.54
C ILE A 234 31.48 -27.76 -25.45
N GLU A 235 30.84 -28.58 -24.62
CA GLU A 235 31.34 -29.94 -24.41
C GLU A 235 31.22 -30.80 -25.65
N LYS A 236 30.17 -30.60 -26.46
CA LYS A 236 29.95 -31.41 -27.65
C LYS A 236 30.24 -30.65 -28.94
N ALA A 237 31.00 -29.57 -28.86
CA ALA A 237 31.44 -28.88 -30.06
C ALA A 237 32.57 -29.66 -30.72
N ASP A 238 32.77 -29.40 -32.02
CA ASP A 238 33.80 -30.09 -32.79
C ASP A 238 34.82 -29.15 -33.41
N ASN A 239 34.68 -27.83 -33.23
CA ASN A 239 35.67 -26.90 -33.74
C ASN A 239 35.76 -25.70 -32.79
N ALA A 240 36.82 -24.92 -32.98
CA ALA A 240 37.06 -23.78 -32.09
C ALA A 240 36.05 -22.66 -32.28
N ALA A 241 35.40 -22.58 -33.44
CA ALA A 241 34.43 -21.52 -33.67
C ALA A 241 33.16 -21.74 -32.86
N GLN A 242 32.72 -23.00 -32.72
CA GLN A 242 31.53 -23.29 -31.93
C GLN A 242 31.77 -23.05 -30.45
N VAL A 243 32.98 -23.36 -29.97
CA VAL A 243 33.32 -23.06 -28.58
C VAL A 243 33.35 -21.56 -28.37
N LYS A 244 33.87 -20.81 -29.35
CA LYS A 244 33.93 -19.36 -29.22
C LYS A 244 32.54 -18.74 -29.20
N ASP A 245 31.62 -19.27 -30.01
CA ASP A 245 30.26 -18.73 -30.06
C ASP A 245 29.57 -18.85 -28.71
N ALA A 246 29.73 -20.01 -28.04
CA ALA A 246 29.07 -20.20 -26.76
C ALA A 246 29.77 -19.42 -25.65
N LEU A 247 31.08 -19.24 -25.73
CA LEU A 247 31.79 -18.50 -24.69
C LEU A 247 31.45 -17.02 -24.73
N THR A 248 31.31 -16.45 -25.93
CA THR A 248 30.96 -15.03 -26.04
C THR A 248 29.57 -14.76 -25.49
N LYS A 249 28.63 -15.69 -25.72
CA LYS A 249 27.29 -15.55 -25.16
C LYS A 249 27.26 -15.78 -23.66
N MET A 250 28.23 -16.53 -23.11
CA MET A 250 28.32 -16.67 -21.67
C MET A 250 28.95 -15.44 -21.03
N ARG A 251 29.97 -14.88 -21.68
CA ARG A 251 30.63 -13.70 -21.12
C ARG A 251 29.68 -12.51 -21.08
N ALA A 252 28.81 -12.40 -22.06
CA ALA A 252 27.84 -11.32 -22.04
C ALA A 252 26.83 -11.63 -20.94
N ALA A 253 26.39 -12.87 -20.87
CA ALA A 253 25.41 -13.25 -19.86
C ALA A 253 25.98 -13.12 -18.45
N ALA A 254 27.25 -13.41 -18.27
CA ALA A 254 27.85 -13.31 -16.95
C ALA A 254 27.90 -11.84 -16.56
N LEU A 255 28.28 -10.99 -17.50
CA LEU A 255 28.35 -9.57 -17.24
C LEU A 255 27.00 -8.98 -16.90
N ASP A 256 25.95 -9.45 -17.57
CA ASP A 256 24.63 -8.93 -17.30
C ASP A 256 24.25 -9.19 -15.87
N ALA A 257 24.52 -10.39 -15.37
CA ALA A 257 24.20 -10.72 -13.98
C ALA A 257 24.96 -9.84 -13.02
N GLN A 258 26.21 -9.55 -13.33
CA GLN A 258 27.01 -8.69 -12.49
C GLN A 258 26.44 -7.28 -12.40
N LYS A 259 25.84 -6.78 -13.49
CA LYS A 259 25.31 -5.43 -13.45
C LYS A 259 23.92 -5.39 -12.82
N ALA A 260 23.11 -6.34 -13.29
CA ALA A 260 21.71 -6.50 -12.90
C ALA A 260 21.44 -6.81 -11.45
N THR A 261 22.48 -7.26 -10.73
CA THR A 261 22.49 -7.59 -9.29
C THR A 261 21.14 -8.11 -8.83
N ASP A 277 32.57 -11.01 -1.83
CA ASP A 277 32.33 -12.40 -2.18
C ASP A 277 31.57 -12.49 -3.50
N PHE A 278 30.58 -11.61 -3.65
CA PHE A 278 29.84 -11.54 -4.91
C PHE A 278 30.76 -11.09 -6.05
N ARG A 279 31.54 -10.03 -5.81
CA ARG A 279 32.42 -9.51 -6.85
C ARG A 279 33.52 -10.50 -7.21
N HIS A 280 34.00 -11.28 -6.24
CA HIS A 280 35.08 -12.23 -6.53
C HIS A 280 34.59 -13.39 -7.37
N GLY A 281 33.38 -13.89 -7.10
CA GLY A 281 32.87 -15.03 -7.84
C GLY A 281 32.69 -14.75 -9.32
N PHE A 282 32.23 -13.54 -9.65
CA PHE A 282 32.08 -13.17 -11.05
C PHE A 282 33.41 -12.81 -11.70
N ASP A 283 34.37 -12.29 -10.92
CA ASP A 283 35.70 -12.06 -11.45
C ASP A 283 36.35 -13.38 -11.87
N ILE A 284 36.13 -14.44 -11.09
CA ILE A 284 36.64 -15.76 -11.47
C ILE A 284 35.92 -16.26 -12.71
N LEU A 285 34.60 -16.08 -12.77
CA LEU A 285 33.81 -16.60 -13.88
C LEU A 285 34.20 -15.92 -15.19
N VAL A 286 34.27 -14.59 -15.19
CA VAL A 286 34.64 -13.88 -16.40
C VAL A 286 36.09 -14.19 -16.78
N GLY A 287 36.97 -14.27 -15.79
CA GLY A 287 38.36 -14.60 -16.07
C GLY A 287 38.53 -15.99 -16.67
N GLN A 288 37.75 -16.95 -16.17
CA GLN A 288 37.84 -18.31 -16.71
C GLN A 288 37.27 -18.39 -18.11
N ILE A 289 36.25 -17.59 -18.42
CA ILE A 289 35.74 -17.54 -19.79
C ILE A 289 36.79 -16.93 -20.72
N ASP A 290 37.48 -15.89 -20.25
CA ASP A 290 38.56 -15.29 -21.04
C ASP A 290 39.68 -16.29 -21.29
N ASP A 291 39.95 -17.15 -20.30
CA ASP A 291 40.97 -18.19 -20.50
C ASP A 291 40.57 -19.13 -21.62
N ALA A 292 39.33 -19.63 -21.59
CA ALA A 292 38.87 -20.53 -22.65
C ALA A 292 38.66 -19.80 -23.96
N LEU A 293 38.31 -18.52 -23.91
CA LEU A 293 38.15 -17.75 -25.15
C LEU A 293 39.48 -17.60 -25.87
N LYS A 294 40.56 -17.37 -25.12
CA LYS A 294 41.88 -17.22 -25.73
C LYS A 294 42.36 -18.54 -26.34
N LEU A 295 42.09 -19.65 -25.66
CA LEU A 295 42.45 -20.95 -26.20
C LEU A 295 41.60 -21.30 -27.42
N ALA A 296 40.38 -20.77 -27.50
CA ALA A 296 39.53 -21.04 -28.66
C ALA A 296 39.99 -20.23 -29.86
N ASN A 297 40.39 -18.97 -29.65
CA ASN A 297 40.89 -18.14 -30.74
C ASN A 297 42.21 -18.67 -31.29
N GLU A 298 42.98 -19.41 -30.50
CA GLU A 298 44.21 -20.03 -30.98
C GLU A 298 43.96 -21.37 -31.67
N GLY A 299 42.70 -21.78 -31.81
CA GLY A 299 42.37 -23.02 -32.46
C GLY A 299 42.50 -24.26 -31.62
N LYS A 300 42.83 -24.13 -30.34
CA LYS A 300 43.00 -25.28 -29.45
C LYS A 300 41.62 -25.63 -28.88
N VAL A 301 40.95 -26.59 -29.51
CA VAL A 301 39.58 -26.90 -29.14
C VAL A 301 39.52 -27.73 -27.86
N LYS A 302 40.31 -28.81 -27.80
CA LYS A 302 40.28 -29.68 -26.63
C LYS A 302 40.74 -28.95 -25.38
N GLU A 303 41.73 -28.05 -25.51
CA GLU A 303 42.22 -27.31 -24.35
C GLU A 303 41.22 -26.26 -23.89
N ALA A 304 40.41 -25.73 -24.80
CA ALA A 304 39.39 -24.77 -24.43
C ALA A 304 38.19 -25.45 -23.76
N GLN A 305 37.85 -26.65 -24.21
CA GLN A 305 36.75 -27.39 -23.59
C GLN A 305 37.08 -27.76 -22.15
N ALA A 306 38.34 -28.16 -21.90
CA ALA A 306 38.75 -28.47 -20.53
C ALA A 306 38.79 -27.22 -19.67
N ALA A 307 39.20 -26.09 -20.24
CA ALA A 307 39.19 -24.83 -19.49
C ALA A 307 37.77 -24.38 -19.20
N ALA A 308 36.83 -24.66 -20.10
CA ALA A 308 35.43 -24.34 -19.86
C ALA A 308 34.80 -25.26 -18.84
N GLU A 309 35.41 -26.43 -18.58
CA GLU A 309 34.88 -27.32 -17.57
C GLU A 309 35.12 -26.78 -16.17
N GLN A 310 36.17 -25.97 -15.98
CA GLN A 310 36.42 -25.34 -14.69
C GLN A 310 35.31 -24.38 -14.30
N LEU A 311 34.52 -23.91 -15.27
CA LEU A 311 33.43 -22.98 -14.97
C LEU A 311 32.39 -23.61 -14.06
N LYS A 312 32.20 -24.92 -14.16
CA LYS A 312 31.19 -25.58 -13.33
C LYS A 312 31.55 -25.53 -11.85
N THR A 313 32.84 -25.51 -11.52
CA THR A 313 33.25 -25.35 -10.13
C THR A 313 32.87 -23.97 -9.62
N THR A 314 33.13 -22.92 -10.42
CA THR A 314 32.74 -21.57 -10.03
C THR A 314 31.22 -21.43 -9.94
N ARG A 315 30.50 -22.10 -10.83
CA ARG A 315 29.04 -22.00 -10.84
C ARG A 315 28.44 -22.62 -9.59
N ASN A 316 28.98 -23.75 -9.15
CA ASN A 316 28.45 -24.44 -7.96
C ASN A 316 28.82 -23.71 -6.68
N ALA A 317 30.02 -23.15 -6.60
CA ALA A 317 30.48 -22.55 -5.36
C ALA A 317 30.07 -21.10 -5.21
N TYR A 318 29.74 -20.41 -6.30
CA TYR A 318 29.45 -18.99 -6.23
C TYR A 318 28.14 -18.60 -6.92
N ILE A 319 28.02 -18.96 -8.20
CA ILE A 319 26.95 -18.41 -9.03
C ILE A 319 25.59 -18.92 -8.56
N GLN A 320 25.48 -20.22 -8.33
CA GLN A 320 24.19 -20.78 -7.89
C GLN A 320 23.78 -20.25 -6.53
N LYS A 321 24.74 -20.04 -5.63
CA LYS A 321 24.42 -19.49 -4.33
C LYS A 321 23.93 -18.05 -4.43
N TYR A 322 24.36 -17.32 -5.46
CA TYR A 322 23.91 -15.94 -5.61
C TYR A 322 22.57 -15.86 -6.32
N LEU A 323 22.37 -16.69 -7.33
CA LEU A 323 21.15 -16.70 -8.14
C LEU A 323 19.88 -16.72 -7.29
N GLU A 324 20.74 -18.48 -4.88
CA GLU A 324 19.33 -18.45 -4.52
C GLU A 324 19.00 -17.19 -3.72
N ARG A 325 20.03 -16.37 -3.44
CA ARG A 325 19.81 -15.18 -2.63
C ARG A 325 19.09 -14.09 -3.40
N ALA A 326 19.48 -13.86 -4.65
CA ALA A 326 18.77 -12.88 -5.47
C ALA A 326 17.32 -13.29 -5.68
N ARG A 327 17.07 -14.59 -5.87
CA ARG A 327 15.71 -15.07 -5.97
C ARG A 327 14.97 -14.94 -4.64
N SER A 328 15.69 -15.10 -3.53
CA SER A 328 15.06 -14.99 -2.22
C SER A 328 14.68 -13.54 -1.90
N THR A 329 15.51 -12.59 -2.32
CA THR A 329 15.21 -11.18 -2.05
C THR A 329 14.00 -10.71 -2.85
N LEU A 330 13.91 -11.13 -4.12
CA LEU A 330 12.76 -10.74 -4.93
C LEU A 330 11.46 -11.27 -4.36
N GLN A 331 11.45 -12.54 -3.93
CA GLN A 331 10.24 -13.11 -3.34
C GLN A 331 9.86 -12.40 -2.05
N LYS A 332 10.83 -11.90 -1.30
CA LYS A 332 10.52 -11.09 -0.12
C LYS A 332 9.93 -9.75 -0.51
N GLU A 333 10.38 -9.17 -1.63
CA GLU A 333 9.76 -7.94 -2.11
C GLU A 333 8.36 -8.18 -2.64
N VAL A 334 8.12 -9.36 -3.24
CA VAL A 334 6.76 -9.71 -3.66
C VAL A 334 5.87 -9.91 -2.44
N HIS A 335 6.40 -10.58 -1.40
CA HIS A 335 5.61 -10.81 -0.20
C HIS A 335 5.25 -9.51 0.49
N ALA A 336 6.19 -8.57 0.57
CA ALA A 336 5.88 -7.27 1.14
C ALA A 336 4.91 -6.49 0.26
N ALA A 337 4.93 -6.73 -1.05
CA ALA A 337 4.03 -6.00 -1.93
C ALA A 337 2.59 -6.49 -1.80
N LYS A 338 2.41 -7.81 -1.64
CA LYS A 338 1.06 -8.34 -1.44
C LYS A 338 0.48 -7.87 -0.11
N SER A 339 1.31 -7.73 0.90
CA SER A 339 0.83 -7.27 2.17
C SER A 339 0.28 -5.86 2.05
N ALA A 340 1.01 -5.01 1.35
CA ALA A 340 0.58 -3.63 1.16
C ALA A 340 -0.70 -3.57 0.36
N ALA A 341 -0.80 -4.42 -0.64
CA ALA A 341 -1.96 -4.51 -1.53
C ALA A 341 -3.18 -4.94 -0.79
N ILE A 342 -3.01 -5.84 0.16
CA ILE A 342 -4.12 -6.29 0.95
C ILE A 342 -4.71 -5.16 1.76
N ILE A 343 -3.88 -4.30 2.31
CA ILE A 343 -4.34 -3.17 3.07
C ILE A 343 -5.14 -2.24 2.19
N ALA A 344 -4.66 -2.01 0.99
CA ALA A 344 -5.36 -1.15 0.06
C ALA A 344 -6.67 -1.74 -0.34
N GLY A 345 -6.70 -3.04 -0.60
CA GLY A 345 -7.92 -3.70 -0.99
C GLY A 345 -8.93 -3.70 0.10
N LEU A 346 -8.47 -3.85 1.33
CA LEU A 346 -9.35 -3.84 2.47
C LEU A 346 -10.01 -2.50 2.65
N PHE A 347 -9.27 -1.43 2.40
CA PHE A 347 -9.81 -0.10 2.53
C PHE A 347 -10.93 0.08 1.55
N ALA A 348 -10.71 -0.36 0.32
CA ALA A 348 -11.73 -0.25 -0.69
C ALA A 348 -12.93 -1.08 -0.33
N LEU A 349 -12.72 -2.28 0.16
CA LEU A 349 -13.83 -3.13 0.53
C LEU A 349 -14.65 -2.52 1.64
N CYS A 350 -13.99 -1.94 2.61
CA CYS A 350 -14.65 -1.29 3.71
C CYS A 350 -15.32 0.03 3.37
N TRP A 351 -14.87 0.71 2.34
CA TRP A 351 -15.45 2.01 2.02
C TRP A 351 -16.39 2.06 0.83
N LEU A 352 -16.35 1.06 -0.02
CA LEU A 352 -17.21 1.04 -1.20
C LEU A 352 -18.70 0.98 -0.86
N PRO A 353 -19.13 0.18 0.10
CA PRO A 353 -20.56 0.09 0.41
C PRO A 353 -21.20 1.44 0.72
N LEU A 354 -20.54 2.24 1.53
CA LEU A 354 -21.03 3.57 1.87
C LEU A 354 -21.09 4.47 0.65
N HIS A 355 -20.02 4.45 -0.17
CA HIS A 355 -20.01 5.27 -1.37
C HIS A 355 -21.04 4.80 -2.39
N ILE A 356 -21.30 3.49 -2.47
CA ILE A 356 -22.27 2.98 -3.42
C ILE A 356 -23.69 3.40 -3.01
N ILE A 357 -23.96 3.43 -1.71
CA ILE A 357 -25.28 3.88 -1.24
C ILE A 357 -25.49 5.34 -1.58
N ASN A 358 -24.45 6.17 -1.43
CA ASN A 358 -24.56 7.57 -1.83
C ASN A 358 -24.88 7.70 -3.31
N CYS A 359 -24.33 6.81 -4.14
CA CYS A 359 -24.58 6.88 -5.58
C CYS A 359 -26.04 6.57 -5.89
N PHE A 360 -26.63 5.57 -5.23
CA PHE A 360 -28.04 5.27 -5.44
C PHE A 360 -28.92 6.45 -5.08
N THR A 361 -28.63 7.11 -3.96
CA THR A 361 -29.43 8.25 -3.55
C THR A 361 -29.23 9.43 -4.48
N PHE A 362 -28.01 9.65 -4.95
CA PHE A 362 -27.74 10.76 -5.85
C PHE A 362 -28.26 10.47 -7.25
N PHE A 363 -27.97 9.28 -7.77
CA PHE A 363 -28.28 9.01 -9.18
C PHE A 363 -29.72 8.57 -9.39
N CYS A 364 -30.32 7.91 -8.39
CA CYS A 364 -31.69 7.40 -8.50
C CYS A 364 -32.54 8.04 -7.42
N PRO A 365 -33.10 9.23 -7.64
CA PRO A 365 -34.04 9.80 -6.68
C PRO A 365 -35.38 9.10 -6.65
N ASP A 366 -35.68 8.27 -7.65
CA ASP A 366 -36.91 7.48 -7.65
C ASP A 366 -36.76 6.16 -6.90
N CYS A 367 -35.55 5.72 -6.62
CA CYS A 367 -35.35 4.53 -5.82
C CYS A 367 -35.71 4.82 -4.37
N SER A 368 -36.23 3.79 -3.69
CA SER A 368 -36.58 3.95 -2.29
C SER A 368 -35.32 4.15 -1.46
N HIS A 369 -35.44 4.96 -0.41
CA HIS A 369 -34.31 5.28 0.45
C HIS A 369 -33.69 4.01 1.03
N ALA A 370 -32.37 4.04 1.19
CA ALA A 370 -31.68 2.92 1.84
C ALA A 370 -32.12 2.84 3.29
N PRO A 371 -32.49 1.66 3.79
CA PRO A 371 -33.03 1.56 5.14
C PRO A 371 -32.02 2.04 6.18
N LEU A 372 -32.56 2.54 7.30
CA LEU A 372 -31.71 3.15 8.31
C LEU A 372 -30.70 2.16 8.87
N TRP A 373 -31.11 0.90 9.07
CA TRP A 373 -30.18 -0.09 9.61
C TRP A 373 -29.04 -0.36 8.64
N LEU A 374 -29.33 -0.36 7.33
CA LEU A 374 -28.27 -0.58 6.35
C LEU A 374 -27.30 0.59 6.30
N MET A 375 -27.80 1.80 6.54
CA MET A 375 -26.92 2.98 6.61
C MET A 375 -25.87 2.81 7.69
N TYR A 376 -26.30 2.54 8.92
CA TYR A 376 -25.37 2.40 10.03
C TYR A 376 -24.51 1.15 9.91
N LEU A 377 -24.96 0.14 9.15
CA LEU A 377 -24.10 -1.00 8.88
C LEU A 377 -22.93 -0.60 7.98
N ALA A 378 -23.20 0.23 6.97
CA ALA A 378 -22.14 0.66 6.07
C ALA A 378 -21.18 1.63 6.76
N ILE A 379 -21.70 2.51 7.62
CA ILE A 379 -20.85 3.41 8.38
C ILE A 379 -19.96 2.62 9.33
N VAL A 380 -20.54 1.65 10.03
CA VAL A 380 -19.77 0.80 10.93
C VAL A 380 -18.72 0.01 10.16
N LEU A 381 -19.07 -0.47 8.97
CA LEU A 381 -18.09 -1.18 8.15
C LEU A 381 -16.94 -0.28 7.73
N ALA A 382 -17.23 0.98 7.42
CA ALA A 382 -16.17 1.91 7.05
C ALA A 382 -15.25 2.20 8.23
N HIS A 383 -15.81 2.27 9.44
CA HIS A 383 -14.98 2.49 10.62
C HIS A 383 -14.13 1.28 10.95
N THR A 384 -14.61 0.07 10.63
CA THR A 384 -13.89 -1.14 10.94
C THR A 384 -12.56 -1.22 10.20
N ASN A 385 -12.40 -0.50 9.09
CA ASN A 385 -11.12 -0.46 8.40
C ASN A 385 -10.01 0.10 9.28
N SER A 386 -10.35 0.88 10.31
CA SER A 386 -9.35 1.37 11.24
C SER A 386 -8.87 0.30 12.23
N VAL A 387 -9.35 -0.94 12.12
CA VAL A 387 -9.05 -1.98 13.09
C VAL A 387 -8.17 -3.03 12.43
N VAL A 388 -8.31 -3.15 11.11
CA VAL A 388 -7.80 -4.33 10.43
C VAL A 388 -6.29 -4.24 10.18
N ASN A 389 -5.77 -3.06 9.92
CA ASN A 389 -4.36 -2.92 9.62
C ASN A 389 -3.39 -3.56 10.60
N PRO A 390 -3.52 -3.30 11.88
CA PRO A 390 -2.58 -3.91 12.84
C PRO A 390 -2.59 -5.43 12.82
N PHE A 391 -3.71 -6.05 12.44
CA PHE A 391 -3.74 -7.50 12.31
C PHE A 391 -2.97 -7.97 11.09
N ILE A 392 -3.05 -7.23 10.00
CA ILE A 392 -2.33 -7.63 8.81
C ILE A 392 -0.84 -7.61 9.09
N TYR A 393 -0.35 -6.56 9.72
CA TYR A 393 1.07 -6.50 10.06
C TYR A 393 1.48 -7.68 10.93
N ALA A 394 0.63 -8.03 11.90
CA ALA A 394 0.97 -9.12 12.81
C ALA A 394 0.99 -10.46 12.08
N TYR A 395 0.02 -10.69 11.19
CA TYR A 395 -0.07 -11.98 10.51
C TYR A 395 0.86 -12.10 9.30
N ARG A 396 1.33 -10.97 8.75
CA ARG A 396 2.09 -11.00 7.50
C ARG A 396 3.51 -10.46 7.59
N ILE A 397 3.89 -9.83 8.69
CA ILE A 397 5.22 -9.23 8.83
C ILE A 397 5.85 -9.75 10.11
N ARG A 398 6.97 -10.47 9.98
CA ARG A 398 7.60 -11.08 11.14
C ARG A 398 8.13 -10.02 12.11
N GLU A 399 8.69 -8.94 11.58
CA GLU A 399 9.31 -7.93 12.44
C GLU A 399 8.27 -7.20 13.28
N PHE A 400 7.10 -6.91 12.71
CA PHE A 400 6.03 -6.29 13.48
C PHE A 400 5.48 -7.26 14.52
N ARG A 401 5.26 -8.52 14.13
CA ARG A 401 4.67 -9.49 15.05
C ARG A 401 5.58 -9.75 16.24
N GLN A 402 6.87 -9.85 15.97
CA GLN A 402 7.82 -10.09 17.02
C GLN A 402 7.85 -8.90 17.94
N THR A 403 7.83 -7.72 17.37
CA THR A 403 7.83 -6.51 18.17
C THR A 403 6.55 -6.38 18.98
N PHE A 404 5.42 -6.79 18.44
CA PHE A 404 4.17 -6.70 19.18
C PHE A 404 4.24 -7.56 20.43
N ARG A 405 4.80 -8.75 20.32
CA ARG A 405 4.93 -9.62 21.47
C ARG A 405 5.78 -9.01 22.56
N LYS A 406 6.90 -8.40 22.17
CA LYS A 406 7.79 -7.79 23.13
C LYS A 406 7.11 -6.68 23.89
N ILE A 407 6.36 -5.85 23.18
CA ILE A 407 5.66 -4.77 23.82
C ILE A 407 4.61 -5.27 24.79
N ILE A 408 3.91 -6.32 24.40
CA ILE A 408 2.86 -6.86 25.23
C ILE A 408 3.39 -7.59 26.45
N ARG A 409 4.33 -8.50 26.23
CA ARG A 409 4.88 -9.27 27.34
C ARG A 409 5.52 -8.34 28.38
N SER A 410 6.39 -7.47 27.95
CA SER A 410 7.01 -6.55 28.88
C SER A 410 5.92 -5.68 29.48
#